data_8ITC
#
_entry.id   8ITC
#
_cell.length_a   82.388
_cell.length_b   83.902
_cell.length_c   103.828
_cell.angle_alpha   90.00
_cell.angle_beta   90.00
_cell.angle_gamma   90.00
#
_symmetry.space_group_name_H-M   'P 21 21 21'
#
loop_
_entity.id
_entity.type
_entity.pdbx_description
1 polymer 'Phosphoglycerate mutase 1'
2 non-polymer 'CHLORIDE ION'
3 non-polymer '2-(N-MORPHOLINO)-ETHANESULFONIC ACID'
4 non-polymer '5-(4-chlorophenyl)-3-[(4-phenylphenyl)sulfonylamino]phthalic acid'
5 water water
#
_entity_poly.entity_id   1
_entity_poly.type   'polypeptide(L)'
_entity_poly.pdbx_seq_one_letter_code
;MAAYKLVLIRHGESAWNLENRFSGWYDADLSPAGHEEAKRGGQALRDAGYEFDICFTSVQKRAIRTLWTVLDAIDQMWLP
VVRTWRLNERHYGGLTGLNKAETAAKHGEAQVKIWRRSYDVPPPPMEPDHPFYSNISKDRRYADLTEDQLPSCESLKDTI
ARALPFWNEEIVPQIKEGKRVLIAAHGNSLRGIVKHLEGLSEEAIMELNLPTGIPIVYELDKNLKPIKPMQFLGDEETVR
KAMEAVAAQGKAKKLEHHHHHH
;
_entity_poly.pdbx_strand_id   B,C
#
# COMPACT_ATOMS: atom_id res chain seq x y z
N ALA A 3 -5.55 21.91 17.14
CA ALA A 3 -4.18 21.96 16.63
C ALA A 3 -3.87 20.74 15.74
N TYR A 4 -4.13 20.86 14.44
CA TYR A 4 -3.90 19.73 13.54
C TYR A 4 -2.43 19.33 13.56
N LYS A 5 -2.19 18.02 13.43
CA LYS A 5 -0.84 17.47 13.40
C LYS A 5 -0.59 16.87 12.02
N LEU A 6 0.51 17.29 11.39
CA LEU A 6 0.91 16.81 10.06
C LEU A 6 2.33 16.27 10.13
N VAL A 7 2.56 15.11 9.53
CA VAL A 7 3.89 14.51 9.53
C VAL A 7 4.35 14.27 8.09
N LEU A 8 5.59 14.68 7.81
CA LEU A 8 6.25 14.44 6.54
C LEU A 8 7.48 13.58 6.80
N ILE A 9 7.84 12.75 5.83
CA ILE A 9 9.10 12.05 5.89
C ILE A 9 9.68 11.98 4.49
N ARG A 10 10.95 12.34 4.37
CA ARG A 10 11.72 12.25 3.14
C ARG A 10 12.49 10.93 3.13
N HIS A 11 12.41 10.19 2.02
CA HIS A 11 13.14 8.93 1.93
C HIS A 11 14.64 9.16 2.01
N GLY A 12 15.35 8.11 2.41
CA GLY A 12 16.79 8.10 2.44
C GLY A 12 17.47 7.60 1.18
N GLU A 13 18.69 7.09 1.36
CA GLU A 13 19.59 6.77 0.27
C GLU A 13 18.99 5.74 -0.69
N SER A 14 19.24 5.95 -1.98
CA SER A 14 18.77 5.04 -3.02
C SER A 14 19.97 4.28 -3.59
N ALA A 15 19.67 3.23 -4.35
CA ALA A 15 20.70 2.34 -4.84
C ALA A 15 21.65 3.06 -5.78
N TRP A 16 22.86 2.48 -5.91
CA TRP A 16 23.85 2.87 -6.91
C TRP A 16 24.21 4.35 -6.82
N ASN A 17 24.12 4.93 -5.62
CA ASN A 17 24.47 6.34 -5.37
C ASN A 17 23.58 7.28 -6.16
N LEU A 18 22.36 6.85 -6.53
CA LEU A 18 21.57 7.65 -7.45
C LEU A 18 21.09 8.96 -6.85
N GLU A 19 21.01 9.09 -5.52
CA GLU A 19 20.64 10.38 -4.96
C GLU A 19 21.71 11.44 -5.23
N ASN A 20 22.94 11.03 -5.51
CA ASN A 20 23.98 11.94 -5.95
C ASN A 20 24.14 11.97 -7.47
N ARG A 21 23.14 11.46 -8.18
CA ARG A 21 23.20 11.33 -9.63
C ARG A 21 21.87 11.76 -10.25
N PHE A 22 21.24 12.79 -9.66
CA PHE A 22 19.99 13.33 -10.19
C PHE A 22 18.92 12.27 -10.42
N SER A 23 18.73 11.40 -9.43
CA SER A 23 17.82 10.25 -9.63
C SER A 23 16.49 10.69 -10.25
N GLY A 24 15.89 11.78 -9.75
CA GLY A 24 14.77 12.36 -10.48
C GLY A 24 13.61 11.38 -10.63
N TRP A 25 13.08 11.27 -11.86
CA TRP A 25 11.96 10.37 -12.14
C TRP A 25 12.39 8.92 -12.41
N TYR A 26 13.69 8.61 -12.33
CA TYR A 26 14.09 7.22 -12.47
C TYR A 26 13.68 6.46 -11.22
N ASP A 27 13.07 5.28 -11.38
CA ASP A 27 12.43 4.61 -10.24
C ASP A 27 13.45 3.78 -9.43
N ALA A 28 14.43 4.49 -8.87
CA ALA A 28 15.47 3.83 -8.08
C ALA A 28 14.91 3.29 -6.75
N ASP A 29 15.30 2.08 -6.37
CA ASP A 29 14.93 1.56 -5.06
C ASP A 29 15.80 2.17 -3.97
N LEU A 30 15.37 2.02 -2.72
CA LEU A 30 16.22 2.32 -1.58
C LEU A 30 17.43 1.39 -1.56
N SER A 31 18.58 1.89 -1.08
CA SER A 31 19.69 1.04 -0.67
C SER A 31 19.36 0.39 0.67
N PRO A 32 20.08 -0.67 1.03
CA PRO A 32 19.94 -1.18 2.42
C PRO A 32 20.03 -0.08 3.46
N ALA A 33 20.97 0.87 3.29
CA ALA A 33 21.10 1.96 4.26
C ALA A 33 19.88 2.89 4.27
N GLY A 34 19.33 3.22 3.10
CA GLY A 34 18.11 4.01 3.09
C GLY A 34 16.94 3.29 3.73
N HIS A 35 16.89 1.97 3.55
CA HIS A 35 15.86 1.18 4.21
C HIS A 35 16.03 1.21 5.74
N GLU A 36 17.26 1.08 6.22
CA GLU A 36 17.51 1.22 7.66
C GLU A 36 17.10 2.60 8.16
N GLU A 37 17.33 3.64 7.36
CA GLU A 37 16.93 4.99 7.77
C GLU A 37 15.42 5.07 7.98
N ALA A 38 14.67 4.54 7.01
CA ALA A 38 13.22 4.49 7.17
C ALA A 38 12.83 3.68 8.42
N LYS A 39 13.54 2.59 8.69
CA LYS A 39 13.25 1.81 9.90
C LYS A 39 13.43 2.68 11.15
N ARG A 40 14.53 3.44 11.21
CA ARG A 40 14.75 4.32 12.35
C ARG A 40 13.67 5.39 12.47
N GLY A 41 13.23 5.96 11.35
CA GLY A 41 12.16 6.94 11.41
C GLY A 41 10.85 6.36 11.91
N GLY A 42 10.48 5.19 11.40
CA GLY A 42 9.28 4.53 11.92
C GLY A 42 9.43 4.21 13.39
N GLN A 43 10.60 3.71 13.76
CA GLN A 43 11.09 3.53 15.12
C GLN A 43 10.64 4.70 16.00
N ALA A 44 11.07 5.89 15.59
CA ALA A 44 10.85 7.11 16.36
C ALA A 44 9.36 7.45 16.41
N LEU A 45 8.65 7.26 15.30
CA LEU A 45 7.22 7.54 15.32
C LEU A 45 6.48 6.59 16.26
N ARG A 46 6.97 5.37 16.41
CA ARG A 46 6.20 4.47 17.27
C ARG A 46 6.54 4.77 18.73
N ASP A 47 7.81 5.06 19.02
CA ASP A 47 8.19 5.45 20.38
C ASP A 47 7.36 6.64 20.87
N ALA A 48 7.08 7.58 19.97
CA ALA A 48 6.27 8.74 20.29
C ALA A 48 4.78 8.48 20.24
N GLY A 49 4.35 7.27 19.91
CA GLY A 49 2.93 6.94 19.94
C GLY A 49 2.09 7.58 18.86
N TYR A 50 2.69 7.90 17.71
CA TYR A 50 1.94 8.60 16.67
C TYR A 50 0.91 7.68 16.01
N GLU A 51 -0.25 8.25 15.71
CA GLU A 51 -1.32 7.55 15.01
C GLU A 51 -1.73 8.38 13.79
N PHE A 52 -1.96 7.71 12.68
CA PHE A 52 -2.39 8.36 11.46
C PHE A 52 -3.71 7.77 11.00
N ASP A 53 -4.37 8.49 10.09
CA ASP A 53 -5.63 8.08 9.48
C ASP A 53 -5.55 7.90 7.98
N ILE A 54 -4.59 8.55 7.31
CA ILE A 54 -4.45 8.45 5.86
C ILE A 54 -3.02 8.82 5.50
N CYS A 55 -2.51 8.17 4.46
CA CYS A 55 -1.13 8.34 4.03
C CYS A 55 -1.11 8.74 2.58
N PHE A 56 -0.19 9.65 2.22
CA PHE A 56 0.03 10.06 0.84
C PHE A 56 1.48 9.84 0.46
N THR A 57 1.72 9.38 -0.76
CA THR A 57 3.07 9.14 -1.25
C THR A 57 3.09 9.35 -2.77
N SER A 58 4.29 9.25 -3.35
CA SER A 58 4.46 9.37 -4.79
C SER A 58 4.19 8.02 -5.46
N VAL A 59 4.49 7.90 -6.76
CA VAL A 59 4.47 6.61 -7.42
C VAL A 59 5.88 6.04 -7.58
N GLN A 60 6.85 6.57 -6.84
CA GLN A 60 8.21 6.08 -6.93
C GLN A 60 8.51 5.13 -5.76
N LYS A 61 9.11 3.98 -6.07
CA LYS A 61 9.24 2.95 -5.06
C LYS A 61 10.11 3.35 -3.86
N ARG A 62 11.09 4.25 -4.02
CA ARG A 62 11.88 4.62 -2.84
C ARG A 62 11.04 5.35 -1.78
N ALA A 63 10.06 6.15 -2.21
CA ALA A 63 9.14 6.76 -1.27
C ALA A 63 8.10 5.75 -0.78
N ILE A 64 7.55 4.94 -1.68
CA ILE A 64 6.56 3.96 -1.26
C ILE A 64 7.16 2.99 -0.23
N ARG A 65 8.36 2.46 -0.51
CA ARG A 65 8.99 1.55 0.44
C ARG A 65 9.30 2.24 1.76
N THR A 66 9.67 3.54 1.72
CA THR A 66 9.82 4.25 2.98
C THR A 66 8.51 4.26 3.77
N LEU A 67 7.40 4.54 3.10
CA LEU A 67 6.12 4.52 3.78
C LEU A 67 5.81 3.14 4.35
N TRP A 68 5.99 2.10 3.53
CA TRP A 68 5.73 0.73 3.97
C TRP A 68 6.50 0.40 5.23
N THR A 69 7.78 0.78 5.25
CA THR A 69 8.63 0.49 6.40
C THR A 69 8.13 1.22 7.64
N VAL A 70 7.72 2.47 7.48
CA VAL A 70 7.15 3.24 8.61
C VAL A 70 5.85 2.60 9.11
N LEU A 71 4.94 2.27 8.18
CA LEU A 71 3.68 1.67 8.57
C LEU A 71 3.91 0.35 9.31
N ASP A 72 4.89 -0.41 8.85
CA ASP A 72 5.23 -1.66 9.51
C ASP A 72 5.73 -1.41 10.93
N ALA A 73 6.59 -0.39 11.10
CA ALA A 73 7.17 -0.10 12.41
C ALA A 73 6.12 0.38 13.41
N ILE A 74 5.11 1.12 12.95
CA ILE A 74 4.10 1.67 13.85
C ILE A 74 2.82 0.83 13.84
N ASP A 75 2.86 -0.37 13.26
CA ASP A 75 1.71 -1.29 13.27
C ASP A 75 0.44 -0.64 12.72
N GLN A 76 0.58 0.07 11.59
CA GLN A 76 -0.57 0.70 10.96
C GLN A 76 -0.62 0.40 9.47
N MET A 77 -0.32 -0.85 9.16
CA MET A 77 -0.27 -1.31 7.78
C MET A 77 -1.66 -1.25 7.15
N TRP A 78 -2.69 -1.15 7.97
CA TRP A 78 -4.07 -1.12 7.52
C TRP A 78 -4.55 0.27 7.05
N LEU A 79 -3.77 1.34 7.22
CA LEU A 79 -4.22 2.67 6.84
C LEU A 79 -4.43 2.78 5.34
N PRO A 80 -5.37 3.61 4.91
CA PRO A 80 -5.50 3.89 3.47
C PRO A 80 -4.27 4.64 2.98
N VAL A 81 -3.82 4.28 1.77
CA VAL A 81 -2.64 4.88 1.14
C VAL A 81 -3.07 5.45 -0.21
N VAL A 82 -2.67 6.69 -0.49
CA VAL A 82 -2.95 7.34 -1.76
C VAL A 82 -1.61 7.66 -2.42
N ARG A 83 -1.42 7.19 -3.65
CA ARG A 83 -0.21 7.41 -4.44
C ARG A 83 -0.50 8.42 -5.54
N THR A 84 0.43 9.34 -5.81
CA THR A 84 0.23 10.27 -6.90
C THR A 84 1.56 10.67 -7.52
N TRP A 85 1.58 10.74 -8.86
CA TRP A 85 2.77 11.25 -9.55
C TRP A 85 3.07 12.68 -9.15
N ARG A 86 2.08 13.41 -8.64
CA ARG A 86 2.28 14.81 -8.32
C ARG A 86 3.21 15.00 -7.13
N LEU A 87 3.50 13.93 -6.38
CA LEU A 87 4.46 14.01 -5.29
C LEU A 87 5.82 13.44 -5.68
N ASN A 88 5.98 13.05 -6.94
CA ASN A 88 7.28 12.56 -7.43
C ASN A 88 8.38 13.59 -7.20
N GLU A 89 9.61 13.09 -7.12
CA GLU A 89 10.82 13.90 -7.15
C GLU A 89 10.82 14.84 -8.35
N ARG A 90 11.54 15.95 -8.24
CA ARG A 90 11.84 16.78 -9.40
C ARG A 90 12.35 15.95 -10.57
N HIS A 91 11.89 16.26 -11.79
CA HIS A 91 12.40 15.63 -12.99
C HIS A 91 13.62 16.39 -13.46
N TYR A 92 14.80 15.74 -13.45
CA TYR A 92 16.05 16.43 -13.75
C TYR A 92 16.41 16.37 -15.23
N GLY A 93 15.47 15.96 -16.08
CA GLY A 93 15.69 16.00 -17.52
C GLY A 93 16.89 15.17 -17.95
N GLY A 94 17.68 15.74 -18.86
CA GLY A 94 18.81 15.01 -19.41
C GLY A 94 19.90 14.70 -18.40
N LEU A 95 19.91 15.40 -17.26
CA LEU A 95 20.94 15.18 -16.26
C LEU A 95 20.70 13.90 -15.47
N THR A 96 19.47 13.40 -15.49
CA THR A 96 19.09 12.23 -14.72
C THR A 96 20.08 11.09 -14.94
N GLY A 97 20.67 10.61 -13.86
CA GLY A 97 21.58 9.48 -13.89
C GLY A 97 23.05 9.86 -13.94
N LEU A 98 23.38 11.12 -14.21
CA LEU A 98 24.78 11.56 -14.28
C LEU A 98 25.30 11.92 -12.90
N ASN A 99 26.57 11.62 -12.64
CA ASN A 99 27.17 12.16 -11.42
C ASN A 99 27.65 13.60 -11.68
N LYS A 100 28.12 14.28 -10.62
CA LYS A 100 28.45 15.70 -10.74
C LYS A 100 29.57 15.94 -11.76
N ALA A 101 30.58 15.09 -11.78
CA ALA A 101 31.70 15.29 -12.70
C ALA A 101 31.27 15.13 -14.15
N GLU A 102 30.42 14.15 -14.44
CA GLU A 102 29.94 13.95 -15.80
C GLU A 102 29.03 15.10 -16.22
N THR A 103 28.26 15.61 -15.28
CA THR A 103 27.39 16.73 -15.58
C THR A 103 28.20 17.97 -15.95
N ALA A 104 29.23 18.26 -15.16
CA ALA A 104 30.10 19.40 -15.48
C ALA A 104 30.86 19.19 -16.77
N ALA A 105 31.33 17.96 -17.00
CA ALA A 105 32.04 17.66 -18.24
C ALA A 105 31.17 17.89 -19.45
N LYS A 106 29.89 17.55 -19.36
CA LYS A 106 29.02 17.61 -20.54
C LYS A 106 28.44 19.00 -20.75
N HIS A 107 28.24 19.77 -19.68
CA HIS A 107 27.54 21.05 -19.78
C HIS A 107 28.34 22.26 -19.32
N GLY A 108 29.48 22.05 -18.68
CA GLY A 108 30.27 23.20 -18.25
C GLY A 108 29.89 23.69 -16.86
N GLU A 109 30.91 24.15 -16.14
CA GLU A 109 30.71 24.63 -14.78
C GLU A 109 29.75 25.83 -14.74
N ALA A 110 29.86 26.73 -15.71
CA ALA A 110 29.03 27.93 -15.69
C ALA A 110 27.54 27.59 -15.73
N GLN A 111 27.14 26.79 -16.73
CA GLN A 111 25.74 26.41 -16.88
C GLN A 111 25.23 25.62 -15.69
N VAL A 112 26.03 24.69 -15.17
CA VAL A 112 25.59 23.93 -14.01
C VAL A 112 25.36 24.85 -12.83
N LYS A 113 26.23 25.86 -12.64
CA LYS A 113 26.01 26.77 -11.52
C LYS A 113 24.71 27.54 -11.70
N ILE A 114 24.41 27.92 -12.94
CA ILE A 114 23.14 28.59 -13.23
C ILE A 114 21.96 27.67 -12.89
N TRP A 115 22.01 26.40 -13.31
CA TRP A 115 20.88 25.53 -12.99
C TRP A 115 20.74 25.37 -11.49
N ARG A 116 21.87 25.22 -10.79
CA ARG A 116 21.87 25.05 -9.34
C ARG A 116 21.15 26.19 -8.66
N ARG A 117 21.39 27.42 -9.14
CA ARG A 117 20.93 28.63 -8.46
C ARG A 117 19.55 29.11 -8.87
N SER A 118 18.98 28.62 -9.97
CA SER A 118 17.81 29.22 -10.58
C SER A 118 16.54 28.53 -10.14
N TYR A 119 15.52 29.34 -9.85
CA TYR A 119 14.23 28.79 -9.45
C TYR A 119 13.43 28.31 -10.65
N ASP A 120 13.66 28.91 -11.81
CA ASP A 120 12.73 28.79 -12.93
C ASP A 120 13.41 28.41 -14.25
N VAL A 121 14.66 27.95 -14.22
CA VAL A 121 15.37 27.49 -15.40
C VAL A 121 15.52 25.98 -15.29
N PRO A 122 14.89 25.21 -16.16
CA PRO A 122 15.01 23.74 -16.09
C PRO A 122 16.32 23.29 -16.70
N PRO A 123 16.75 22.08 -16.37
CA PRO A 123 17.83 21.45 -17.13
C PRO A 123 17.35 21.08 -18.52
N PRO A 124 18.25 20.60 -19.40
CA PRO A 124 17.82 20.22 -20.75
C PRO A 124 16.87 19.04 -20.70
N PRO A 125 16.02 18.89 -21.70
CA PRO A 125 15.03 17.83 -21.66
C PRO A 125 15.69 16.46 -21.80
N MET A 126 15.02 15.46 -21.25
CA MET A 126 15.40 14.08 -21.49
C MET A 126 14.92 13.67 -22.87
N GLU A 127 15.85 13.35 -23.76
CA GLU A 127 15.60 13.04 -25.17
C GLU A 127 15.72 11.54 -25.43
N PRO A 128 15.30 11.06 -26.60
CA PRO A 128 15.32 9.61 -26.86
C PRO A 128 16.70 8.97 -26.75
N ASP A 129 17.78 9.70 -27.00
CA ASP A 129 19.09 9.10 -26.82
C ASP A 129 19.47 8.86 -25.36
N HIS A 130 18.74 9.44 -24.40
CA HIS A 130 19.02 9.23 -22.99
C HIS A 130 18.68 7.79 -22.59
N PRO A 131 19.51 7.12 -21.80
CA PRO A 131 19.24 5.72 -21.45
C PRO A 131 17.95 5.50 -20.66
N PHE A 132 17.40 6.53 -20.00
CA PHE A 132 16.15 6.43 -19.24
C PHE A 132 14.93 6.89 -20.02
N TYR A 133 15.08 7.33 -21.27
CA TYR A 133 13.97 7.99 -21.95
C TYR A 133 12.73 7.09 -22.05
N SER A 134 12.87 5.92 -22.69
CA SER A 134 11.71 5.03 -22.80
C SER A 134 11.32 4.46 -21.44
N ASN A 135 12.32 4.15 -20.61
CA ASN A 135 12.08 3.65 -19.26
C ASN A 135 11.12 4.54 -18.47
N ILE A 136 11.31 5.85 -18.55
CA ILE A 136 10.45 6.76 -17.79
C ILE A 136 9.23 7.17 -18.60
N SER A 137 9.46 7.73 -19.79
CA SER A 137 8.38 8.41 -20.50
C SER A 137 7.33 7.45 -21.04
N LYS A 138 7.68 6.19 -21.25
CA LYS A 138 6.70 5.20 -21.68
C LYS A 138 6.23 4.30 -20.54
N ASP A 139 6.60 4.63 -19.30
CA ASP A 139 6.19 3.79 -18.19
C ASP A 139 4.68 3.85 -18.03
N ARG A 140 4.06 2.66 -17.93
CA ARG A 140 2.62 2.49 -17.82
C ARG A 140 2.00 3.41 -16.77
N ARG A 141 2.69 3.63 -15.66
CA ARG A 141 2.12 4.41 -14.56
C ARG A 141 1.83 5.85 -14.95
N TYR A 142 2.41 6.35 -16.04
CA TYR A 142 2.15 7.71 -16.48
C TYR A 142 1.28 7.75 -17.74
N ALA A 143 0.66 6.63 -18.10
CA ALA A 143 -0.03 6.55 -19.38
C ALA A 143 -1.27 7.43 -19.43
N ASP A 144 -1.84 7.79 -18.27
CA ASP A 144 -3.01 8.66 -18.21
C ASP A 144 -2.64 10.14 -18.18
N LEU A 145 -1.35 10.49 -18.11
CA LEU A 145 -0.95 11.88 -18.11
C LEU A 145 -1.14 12.48 -19.50
N THR A 146 -1.59 13.72 -19.55
CA THR A 146 -1.68 14.44 -20.81
C THR A 146 -0.28 14.83 -21.29
N GLU A 147 -0.20 15.18 -22.59
CA GLU A 147 1.05 15.55 -23.22
CA GLU A 147 1.10 15.48 -23.15
C GLU A 147 1.78 16.65 -22.46
N ASP A 148 1.02 17.56 -21.85
CA ASP A 148 1.60 18.68 -21.12
C ASP A 148 1.97 18.31 -19.68
N GLN A 149 1.33 17.28 -19.12
CA GLN A 149 1.55 16.94 -17.71
C GLN A 149 2.83 16.12 -17.53
N LEU A 150 3.21 15.33 -18.52
CA LEU A 150 4.35 14.43 -18.40
C LEU A 150 5.63 15.21 -18.70
N PRO A 151 6.46 15.50 -17.71
CA PRO A 151 7.63 16.35 -17.96
C PRO A 151 8.71 15.61 -18.73
N SER A 152 9.44 16.37 -19.56
CA SER A 152 10.76 15.94 -20.04
C SER A 152 11.88 16.49 -19.17
N CYS A 153 11.54 17.45 -18.32
CA CYS A 153 12.45 18.17 -17.45
C CYS A 153 11.59 19.14 -16.65
N GLU A 154 12.11 19.58 -15.50
CA GLU A 154 11.42 20.49 -14.61
C GLU A 154 12.39 21.45 -13.95
N SER A 155 12.05 22.74 -13.92
CA SER A 155 12.63 23.64 -12.93
C SER A 155 12.01 23.34 -11.57
N LEU A 156 12.63 23.84 -10.50
CA LEU A 156 12.01 23.68 -9.18
C LEU A 156 10.61 24.30 -9.19
N LYS A 157 10.46 25.44 -9.87
CA LYS A 157 9.15 26.06 -10.04
C LYS A 157 8.13 25.08 -10.60
N ASP A 158 8.49 24.36 -11.67
CA ASP A 158 7.60 23.37 -12.26
C ASP A 158 7.21 22.29 -11.24
N THR A 159 8.21 21.75 -10.54
CA THR A 159 7.95 20.69 -9.56
C THR A 159 6.92 21.14 -8.53
N ILE A 160 7.16 22.31 -7.93
CA ILE A 160 6.24 22.82 -6.91
C ILE A 160 4.87 23.09 -7.52
N ALA A 161 4.84 23.61 -8.75
CA ALA A 161 3.56 23.92 -9.39
C ALA A 161 2.71 22.67 -9.61
N ARG A 162 3.33 21.54 -9.89
CA ARG A 162 2.46 20.37 -10.05
C ARG A 162 2.27 19.57 -8.76
N ALA A 163 3.01 19.88 -7.71
CA ALA A 163 2.69 19.26 -6.42
C ALA A 163 1.53 19.98 -5.72
N LEU A 164 1.50 21.31 -5.75
CA LEU A 164 0.49 22.04 -4.97
C LEU A 164 -0.95 21.75 -5.35
N PRO A 165 -1.30 21.51 -6.62
CA PRO A 165 -2.70 21.14 -6.90
C PRO A 165 -3.15 19.91 -6.13
N PHE A 166 -2.26 18.92 -5.92
CA PHE A 166 -2.64 17.74 -5.16
C PHE A 166 -2.80 18.07 -3.68
N TRP A 167 -1.87 18.82 -3.13
CA TRP A 167 -2.02 19.28 -1.76
C TRP A 167 -3.37 19.98 -1.56
N ASN A 168 -3.69 20.92 -2.45
CA ASN A 168 -4.92 21.69 -2.27
C ASN A 168 -6.17 20.84 -2.46
N GLU A 169 -6.19 19.97 -3.47
CA GLU A 169 -7.43 19.29 -3.80
C GLU A 169 -7.63 18.00 -3.01
N GLU A 170 -6.56 17.36 -2.53
CA GLU A 170 -6.68 16.04 -1.92
C GLU A 170 -6.22 16.00 -0.47
N ILE A 171 -5.15 16.69 -0.11
CA ILE A 171 -4.62 16.59 1.23
C ILE A 171 -5.31 17.56 2.18
N VAL A 172 -5.43 18.82 1.75
CA VAL A 172 -6.03 19.84 2.61
C VAL A 172 -7.40 19.40 3.13
N PRO A 173 -8.33 18.93 2.29
CA PRO A 173 -9.64 18.49 2.82
C PRO A 173 -9.54 17.44 3.91
N GLN A 174 -8.57 16.52 3.81
CA GLN A 174 -8.42 15.50 4.84
C GLN A 174 -7.98 16.14 6.15
N ILE A 175 -7.00 17.04 6.10
CA ILE A 175 -6.55 17.69 7.34
C ILE A 175 -7.70 18.45 7.96
N LYS A 176 -8.53 19.07 7.13
CA LYS A 176 -9.64 19.87 7.65
C LYS A 176 -10.74 19.01 8.28
N GLU A 177 -10.85 17.74 7.88
CA GLU A 177 -11.77 16.81 8.56
C GLU A 177 -11.16 16.22 9.83
N GLY A 178 -9.98 16.68 10.26
CA GLY A 178 -9.32 16.12 11.40
C GLY A 178 -8.55 14.84 11.15
N LYS A 179 -8.51 14.37 9.90
CA LYS A 179 -7.74 13.18 9.58
C LYS A 179 -6.27 13.47 9.80
N ARG A 180 -5.57 12.55 10.45
CA ARG A 180 -4.15 12.73 10.75
C ARG A 180 -3.31 12.21 9.58
N VAL A 181 -2.61 13.12 8.89
CA VAL A 181 -1.97 12.82 7.61
C VAL A 181 -0.50 12.52 7.80
N LEU A 182 -0.03 11.49 7.09
CA LEU A 182 1.40 11.21 6.90
C LEU A 182 1.71 11.31 5.42
N ILE A 183 2.80 12.00 5.09
CA ILE A 183 3.27 12.15 3.71
C ILE A 183 4.69 11.63 3.64
N ALA A 184 4.91 10.62 2.78
CA ALA A 184 6.23 10.08 2.51
C ALA A 184 6.56 10.44 1.08
N ALA A 185 7.52 11.33 0.89
CA ALA A 185 7.77 11.73 -0.48
C ALA A 185 9.25 12.07 -0.63
N HIS A 186 9.56 13.08 -1.44
CA HIS A 186 10.90 13.34 -1.90
C HIS A 186 11.29 14.78 -1.56
N GLY A 187 12.60 15.06 -1.62
CA GLY A 187 13.12 16.39 -1.30
C GLY A 187 12.38 17.56 -1.93
N ASN A 188 12.27 17.57 -3.25
CA ASN A 188 11.69 18.75 -3.93
C ASN A 188 10.17 18.79 -3.86
N SER A 189 9.49 17.63 -3.87
CA SER A 189 8.05 17.71 -3.70
C SER A 189 7.70 18.15 -2.28
N LEU A 190 8.47 17.70 -1.29
CA LEU A 190 8.23 18.17 0.08
C LEU A 190 8.54 19.67 0.20
N ARG A 191 9.58 20.13 -0.50
CA ARG A 191 9.83 21.56 -0.57
C ARG A 191 8.61 22.33 -1.01
N GLY A 192 7.89 21.85 -2.02
CA GLY A 192 6.68 22.54 -2.44
C GLY A 192 5.71 22.75 -1.28
N ILE A 193 5.47 21.68 -0.50
CA ILE A 193 4.54 21.75 0.62
C ILE A 193 5.07 22.72 1.68
N VAL A 194 6.35 22.61 2.02
CA VAL A 194 6.92 23.46 3.06
C VAL A 194 6.87 24.91 2.64
N LYS A 195 7.08 25.18 1.35
CA LYS A 195 7.02 26.54 0.87
C LYS A 195 5.62 27.10 1.00
N HIS A 196 4.60 26.32 0.63
CA HIS A 196 3.24 26.82 0.75
C HIS A 196 2.84 26.98 2.21
N LEU A 197 3.23 26.04 3.07
CA LEU A 197 2.91 26.14 4.50
C LEU A 197 3.49 27.40 5.11
N GLU A 198 4.79 27.61 4.96
CA GLU A 198 5.51 28.67 5.65
C GLU A 198 5.57 29.97 4.85
N GLY A 199 4.97 30.02 3.67
CA GLY A 199 5.05 31.18 2.80
C GLY A 199 6.46 31.64 2.54
N LEU A 200 7.35 30.70 2.21
CA LEU A 200 8.76 30.99 2.01
C LEU A 200 9.00 31.61 0.65
N SER A 201 10.12 32.32 0.53
CA SER A 201 10.55 32.91 -0.73
C SER A 201 11.20 31.84 -1.61
N GLU A 202 11.41 32.19 -2.88
CA GLU A 202 12.11 31.29 -3.78
C GLU A 202 13.54 31.05 -3.30
N GLU A 203 14.23 32.11 -2.86
CA GLU A 203 15.59 31.95 -2.33
C GLU A 203 15.60 31.04 -1.11
N ALA A 204 14.68 31.29 -0.17
CA ALA A 204 14.65 30.51 1.06
C ALA A 204 14.37 29.04 0.76
N ILE A 205 13.40 28.77 -0.10
CA ILE A 205 13.10 27.36 -0.40
C ILE A 205 14.29 26.71 -1.11
N MET A 206 15.03 27.46 -1.94
CA MET A 206 16.17 26.80 -2.56
C MET A 206 17.29 26.55 -1.58
N GLU A 207 17.31 27.25 -0.45
CA GLU A 207 18.33 26.92 0.56
C GLU A 207 17.89 25.86 1.57
N LEU A 208 16.62 25.45 1.57
CA LEU A 208 16.12 24.48 2.54
C LEU A 208 16.45 23.05 2.11
N ASN A 209 17.17 22.32 2.96
CA ASN A 209 17.53 20.93 2.69
C ASN A 209 16.90 20.07 3.80
N LEU A 210 15.72 19.50 3.53
CA LEU A 210 15.07 18.69 4.55
C LEU A 210 15.90 17.44 4.84
N PRO A 211 16.05 17.04 6.10
CA PRO A 211 16.78 15.81 6.42
C PRO A 211 16.00 14.59 5.96
N THR A 212 16.72 13.48 5.79
CA THR A 212 16.12 12.24 5.30
C THR A 212 15.85 11.28 6.44
N GLY A 213 14.81 10.47 6.28
CA GLY A 213 14.55 9.42 7.24
C GLY A 213 14.10 9.86 8.61
N ILE A 214 13.84 11.15 8.81
CA ILE A 214 13.49 11.71 10.11
C ILE A 214 12.08 12.26 10.02
N PRO A 215 11.18 11.87 10.93
CA PRO A 215 9.82 12.44 10.90
C PRO A 215 9.86 13.96 11.15
N ILE A 216 9.10 14.68 10.34
CA ILE A 216 9.03 16.14 10.39
C ILE A 216 7.60 16.51 10.78
N VAL A 217 7.44 17.16 11.93
CA VAL A 217 6.14 17.39 12.53
C VAL A 217 5.75 18.85 12.41
N TYR A 218 4.55 19.10 11.88
CA TYR A 218 3.94 20.43 11.83
C TYR A 218 2.70 20.44 12.70
N GLU A 219 2.48 21.57 13.38
CA GLU A 219 1.27 21.84 14.12
C GLU A 219 0.59 23.02 13.47
N LEU A 220 -0.63 22.81 12.99
CA LEU A 220 -1.33 23.75 12.14
C LEU A 220 -2.60 24.23 12.82
N ASP A 221 -2.96 25.49 12.57
CA ASP A 221 -4.17 26.08 13.13
C ASP A 221 -5.33 25.83 12.17
N LYS A 222 -6.49 26.45 12.44
CA LYS A 222 -7.66 26.17 11.63
C LYS A 222 -7.52 26.67 10.20
N ASN A 223 -6.54 27.52 9.92
CA ASN A 223 -6.27 27.97 8.57
C ASN A 223 -5.09 27.22 7.94
N LEU A 224 -4.60 26.18 8.59
CA LEU A 224 -3.49 25.38 8.09
C LEU A 224 -2.18 26.15 8.10
N LYS A 225 -2.13 27.27 8.85
CA LYS A 225 -0.89 27.99 9.08
C LYS A 225 -0.14 27.34 10.23
N PRO A 226 1.16 27.07 10.10
CA PRO A 226 1.90 26.54 11.24
C PRO A 226 1.79 27.49 12.43
N ILE A 227 1.80 26.92 13.63
CA ILE A 227 1.84 27.70 14.87
C ILE A 227 3.21 27.69 15.51
N LYS A 228 4.19 27.03 14.90
CA LYS A 228 5.56 27.02 15.41
C LYS A 228 6.44 26.37 14.35
N PRO A 229 7.76 26.39 14.48
CA PRO A 229 8.61 25.82 13.44
C PRO A 229 8.47 24.32 13.42
N MET A 230 8.91 23.72 12.32
CA MET A 230 8.87 22.28 12.18
C MET A 230 9.79 21.63 13.21
N GLN A 231 9.37 20.48 13.74
CA GLN A 231 10.15 19.73 14.73
C GLN A 231 10.53 18.38 14.16
N PHE A 232 11.72 17.89 14.52
CA PHE A 232 12.16 16.56 14.15
C PHE A 232 11.97 15.59 15.32
N LEU A 233 11.83 14.30 14.99
CA LEU A 233 11.54 13.26 15.97
C LEU A 233 12.72 12.30 16.05
N GLY A 234 13.18 12.01 17.27
CA GLY A 234 14.31 11.12 17.48
C GLY A 234 15.04 11.36 18.79
N ASP A 235 16.37 11.35 18.77
CA ASP A 235 17.17 11.72 19.93
C ASP A 235 17.89 13.04 19.75
N ALA B 2 -10.59 -14.25 -23.17
CA ALA B 2 -11.85 -13.75 -22.67
C ALA B 2 -11.76 -12.25 -22.44
N ALA B 3 -12.91 -11.63 -22.15
CA ALA B 3 -12.93 -10.17 -22.00
C ALA B 3 -12.03 -9.73 -20.86
N TYR B 4 -12.10 -10.40 -19.70
CA TYR B 4 -11.44 -9.95 -18.48
C TYR B 4 -10.60 -11.06 -17.85
N LYS B 5 -9.64 -10.64 -17.02
CA LYS B 5 -8.79 -11.57 -16.27
C LYS B 5 -8.74 -11.08 -14.83
N LEU B 6 -8.89 -12.00 -13.88
CA LEU B 6 -8.93 -11.68 -12.45
C LEU B 6 -7.92 -12.58 -11.73
N VAL B 7 -7.15 -12.02 -10.80
CA VAL B 7 -6.19 -12.83 -10.04
C VAL B 7 -6.49 -12.73 -8.57
N LEU B 8 -6.52 -13.88 -7.89
CA LEU B 8 -6.72 -13.98 -6.46
C LEU B 8 -5.46 -14.57 -5.83
N ILE B 9 -5.19 -14.19 -4.58
CA ILE B 9 -4.11 -14.86 -3.86
C ILE B 9 -4.48 -14.92 -2.38
N ARG B 10 -4.42 -16.14 -1.84
CA ARG B 10 -4.63 -16.39 -0.43
C ARG B 10 -3.29 -16.33 0.30
N HIS B 11 -3.23 -15.57 1.39
CA HIS B 11 -1.99 -15.48 2.14
C HIS B 11 -1.61 -16.85 2.70
N GLY B 12 -0.32 -17.01 2.94
CA GLY B 12 0.22 -18.22 3.52
C GLY B 12 0.26 -18.21 5.03
N GLU B 13 1.12 -19.08 5.57
CA GLU B 13 1.18 -19.37 7.00
C GLU B 13 1.39 -18.12 7.85
N SER B 14 0.63 -18.01 8.93
CA SER B 14 0.77 -16.92 9.89
C SER B 14 1.42 -17.42 11.18
N ALA B 15 1.81 -16.48 12.04
CA ALA B 15 2.39 -16.85 13.32
C ALA B 15 1.42 -17.70 14.15
N TRP B 16 0.12 -17.44 14.04
CA TRP B 16 -0.79 -18.24 14.87
C TRP B 16 -1.14 -19.58 14.23
N ASN B 17 -1.02 -19.72 12.91
CA ASN B 17 -1.15 -21.03 12.30
C ASN B 17 -0.12 -21.99 12.90
N LEU B 18 1.10 -21.49 13.16
CA LEU B 18 2.13 -22.31 13.78
C LEU B 18 1.74 -22.77 15.19
N GLU B 19 0.86 -22.06 15.87
CA GLU B 19 0.36 -22.44 17.19
C GLU B 19 -1.01 -23.12 17.12
N ASN B 20 -1.45 -23.51 15.92
CA ASN B 20 -2.81 -23.95 15.58
C ASN B 20 -3.86 -23.21 16.39
N ARG B 21 -3.78 -21.87 16.41
CA ARG B 21 -4.74 -21.00 17.08
C ARG B 21 -5.68 -20.38 16.07
N PHE B 22 -6.97 -20.27 16.43
CA PHE B 22 -7.93 -19.53 15.60
C PHE B 22 -7.54 -18.05 15.60
N SER B 23 -7.23 -17.50 14.43
CA SER B 23 -6.91 -16.08 14.28
C SER B 23 -8.18 -15.28 13.98
N GLY B 24 -8.81 -15.55 12.85
CA GLY B 24 -9.99 -14.78 12.49
C GLY B 24 -9.59 -13.32 12.34
N TRP B 25 -10.28 -12.44 13.06
CA TRP B 25 -9.96 -11.01 13.01
C TRP B 25 -8.73 -10.62 13.81
N TYR B 26 -8.17 -11.52 14.60
CA TYR B 26 -6.90 -11.21 15.24
C TYR B 26 -5.82 -11.00 14.18
N ASP B 27 -5.01 -9.94 14.34
CA ASP B 27 -4.17 -9.46 13.24
C ASP B 27 -2.80 -10.12 13.24
N ALA B 28 -2.77 -11.46 13.17
CA ALA B 28 -1.49 -12.17 13.20
C ALA B 28 -0.66 -11.85 11.95
N ASP B 29 0.65 -11.71 12.14
CA ASP B 29 1.53 -11.51 10.99
C ASP B 29 1.84 -12.83 10.29
N LEU B 30 2.36 -12.71 9.07
CA LEU B 30 2.91 -13.88 8.39
C LEU B 30 4.07 -14.47 9.18
N SER B 31 4.21 -15.79 9.11
CA SER B 31 5.43 -16.42 9.57
C SER B 31 6.49 -16.24 8.51
N PRO B 32 7.77 -16.48 8.83
CA PRO B 32 8.79 -16.42 7.77
C PRO B 32 8.44 -17.30 6.59
N ALA B 33 7.91 -18.51 6.84
CA ALA B 33 7.56 -19.37 5.73
C ALA B 33 6.40 -18.78 4.92
N GLY B 34 5.42 -18.18 5.58
CA GLY B 34 4.32 -17.57 4.84
C GLY B 34 4.78 -16.40 4.00
N HIS B 35 5.78 -15.66 4.51
CA HIS B 35 6.34 -14.59 3.71
C HIS B 35 7.05 -15.14 2.47
N GLU B 36 7.78 -16.25 2.64
CA GLU B 36 8.45 -16.87 1.49
C GLU B 36 7.44 -17.38 0.46
N GLU B 37 6.30 -17.91 0.93
CA GLU B 37 5.23 -18.32 0.02
C GLU B 37 4.78 -17.15 -0.84
N ALA B 38 4.56 -16.00 -0.20
CA ALA B 38 4.18 -14.81 -0.96
C ALA B 38 5.24 -14.44 -1.98
N LYS B 39 6.53 -14.55 -1.60
CA LYS B 39 7.57 -14.24 -2.58
C LYS B 39 7.50 -15.18 -3.78
N ARG B 40 7.30 -16.48 -3.54
CA ARG B 40 7.21 -17.42 -4.67
C ARG B 40 6.01 -17.12 -5.55
N GLY B 41 4.87 -16.80 -4.96
CA GLY B 41 3.71 -16.41 -5.77
C GLY B 41 3.98 -15.17 -6.61
N GLY B 42 4.65 -14.17 -6.02
CA GLY B 42 4.99 -13.00 -6.79
C GLY B 42 5.95 -13.32 -7.92
N GLN B 43 6.92 -14.18 -7.66
CA GLN B 43 7.83 -14.62 -8.71
C GLN B 43 7.07 -15.29 -9.85
N ALA B 44 6.04 -16.08 -9.51
CA ALA B 44 5.24 -16.73 -10.54
C ALA B 44 4.51 -15.71 -11.39
N LEU B 45 3.90 -14.71 -10.75
CA LEU B 45 3.23 -13.67 -11.52
C LEU B 45 4.23 -12.92 -12.40
N ARG B 46 5.42 -12.65 -11.87
CA ARG B 46 6.44 -11.94 -12.63
C ARG B 46 6.88 -12.75 -13.85
N ASP B 47 7.10 -14.05 -13.67
CA ASP B 47 7.55 -14.89 -14.77
C ASP B 47 6.51 -14.95 -15.86
N ALA B 48 5.25 -14.95 -15.50
CA ALA B 48 4.16 -15.00 -16.46
C ALA B 48 3.79 -13.62 -17.02
N GLY B 49 4.52 -12.57 -16.65
CA GLY B 49 4.30 -11.25 -17.23
C GLY B 49 3.02 -10.56 -16.81
N TYR B 50 2.49 -10.86 -15.63
CA TYR B 50 1.19 -10.32 -15.27
C TYR B 50 1.26 -8.84 -14.94
N GLU B 51 0.27 -8.09 -15.39
CA GLU B 51 0.15 -6.67 -15.10
C GLU B 51 -1.21 -6.38 -14.48
N PHE B 52 -1.22 -5.54 -13.45
CA PHE B 52 -2.46 -5.19 -12.79
C PHE B 52 -2.66 -3.68 -12.85
N ASP B 53 -3.90 -3.24 -12.63
CA ASP B 53 -4.23 -1.82 -12.55
C ASP B 53 -4.71 -1.37 -11.18
N ILE B 54 -5.24 -2.29 -10.37
CA ILE B 54 -5.74 -1.95 -9.04
C ILE B 54 -5.72 -3.20 -8.19
N CYS B 55 -5.52 -3.03 -6.89
CA CYS B 55 -5.41 -4.13 -5.94
C CYS B 55 -6.39 -3.93 -4.80
N PHE B 56 -6.97 -5.03 -4.31
CA PHE B 56 -7.85 -4.99 -3.15
C PHE B 56 -7.31 -5.94 -2.09
N THR B 57 -7.43 -5.55 -0.83
CA THR B 57 -7.03 -6.44 0.25
C THR B 57 -7.87 -6.13 1.49
N SER B 58 -7.58 -6.83 2.58
CA SER B 58 -8.32 -6.66 3.81
C SER B 58 -7.60 -5.60 4.65
N VAL B 59 -8.03 -5.41 5.90
CA VAL B 59 -7.26 -4.57 6.83
C VAL B 59 -6.39 -5.43 7.76
N GLN B 60 -6.09 -6.67 7.37
CA GLN B 60 -5.25 -7.53 8.18
C GLN B 60 -3.87 -7.67 7.56
N LYS B 61 -2.84 -7.50 8.40
CA LYS B 61 -1.46 -7.44 7.92
C LYS B 61 -1.00 -8.73 7.22
N ARG B 62 -1.52 -9.92 7.57
CA ARG B 62 -1.02 -11.09 6.84
C ARG B 62 -1.41 -11.05 5.35
N ALA B 63 -2.56 -10.46 5.03
CA ALA B 63 -2.93 -10.30 3.62
C ALA B 63 -2.24 -9.09 3.01
N ILE B 64 -2.18 -7.98 3.76
CA ILE B 64 -1.52 -6.78 3.23
C ILE B 64 -0.06 -7.08 2.93
N ARG B 65 0.64 -7.75 3.85
CA ARG B 65 2.04 -8.08 3.59
C ARG B 65 2.18 -9.04 2.42
N THR B 66 1.24 -9.98 2.28
CA THR B 66 1.29 -10.79 1.06
C THR B 66 1.19 -9.91 -0.19
N LEU B 67 0.26 -8.94 -0.18
CA LEU B 67 0.12 -8.06 -1.34
C LEU B 67 1.40 -7.27 -1.58
N TRP B 68 1.96 -6.68 -0.52
CA TRP B 68 3.19 -5.90 -0.66
C TRP B 68 4.27 -6.74 -1.30
N THR B 69 4.46 -7.97 -0.80
CA THR B 69 5.50 -8.84 -1.32
C THR B 69 5.28 -9.14 -2.80
N VAL B 70 4.01 -9.38 -3.18
CA VAL B 70 3.73 -9.64 -4.59
C VAL B 70 4.03 -8.41 -5.44
N LEU B 71 3.58 -7.23 -5.00
CA LEU B 71 3.82 -6.01 -5.78
C LEU B 71 5.31 -5.72 -5.95
N ASP B 72 6.09 -5.99 -4.90
CA ASP B 72 7.54 -5.83 -4.96
C ASP B 72 8.11 -6.79 -6.01
N ALA B 73 7.69 -8.06 -5.96
CA ALA B 73 8.21 -9.04 -6.92
C ALA B 73 7.90 -8.67 -8.37
N ILE B 74 6.71 -8.10 -8.64
CA ILE B 74 6.33 -7.82 -10.02
C ILE B 74 6.62 -6.37 -10.42
N ASP B 75 7.31 -5.61 -9.55
CA ASP B 75 7.69 -4.21 -9.81
C ASP B 75 6.47 -3.33 -10.11
N GLN B 76 5.42 -3.51 -9.32
CA GLN B 76 4.19 -2.75 -9.46
C GLN B 76 3.78 -2.15 -8.12
N MET B 77 4.79 -1.68 -7.38
CA MET B 77 4.55 -1.05 -6.08
C MET B 77 3.74 0.23 -6.20
N TRP B 78 3.74 0.85 -7.38
CA TRP B 78 3.00 2.08 -7.62
C TRP B 78 1.50 1.90 -7.77
N LEU B 79 0.98 0.67 -7.81
CA LEU B 79 -0.45 0.51 -8.09
C LEU B 79 -1.31 1.05 -6.94
N PRO B 80 -2.52 1.52 -7.26
CA PRO B 80 -3.47 1.87 -6.20
C PRO B 80 -3.90 0.61 -5.47
N VAL B 81 -3.96 0.73 -4.15
CA VAL B 81 -4.34 -0.36 -3.25
C VAL B 81 -5.55 0.12 -2.46
N VAL B 82 -6.57 -0.73 -2.35
CA VAL B 82 -7.76 -0.44 -1.56
C VAL B 82 -7.89 -1.53 -0.51
N ARG B 83 -8.01 -1.12 0.75
CA ARG B 83 -8.11 -2.02 1.91
C ARG B 83 -9.54 -1.97 2.44
N THR B 84 -10.10 -3.14 2.81
CA THR B 84 -11.44 -3.14 3.37
C THR B 84 -11.59 -4.26 4.40
N TRP B 85 -12.27 -3.94 5.51
CA TRP B 85 -12.62 -4.96 6.50
C TRP B 85 -13.50 -6.04 5.91
N ARG B 86 -14.19 -5.74 4.81
CA ARG B 86 -15.12 -6.71 4.22
C ARG B 86 -14.40 -7.89 3.60
N LEU B 87 -13.09 -7.79 3.36
CA LEU B 87 -12.30 -8.92 2.87
C LEU B 87 -11.57 -9.64 4.00
N ASN B 88 -11.77 -9.21 5.25
CA ASN B 88 -11.17 -9.90 6.40
C ASN B 88 -11.52 -11.39 6.40
N GLU B 89 -10.64 -12.17 7.03
CA GLU B 89 -10.92 -13.55 7.39
C GLU B 89 -12.23 -13.67 8.16
N ARG B 90 -12.84 -14.86 8.11
CA ARG B 90 -13.96 -15.19 8.98
C ARG B 90 -13.66 -14.80 10.43
N HIS B 91 -14.66 -14.25 11.12
CA HIS B 91 -14.54 -13.92 12.55
C HIS B 91 -14.91 -15.15 13.37
N TYR B 92 -13.94 -15.71 14.11
CA TYR B 92 -14.21 -16.95 14.84
C TYR B 92 -14.75 -16.73 16.25
N GLY B 93 -15.13 -15.51 16.60
CA GLY B 93 -15.90 -15.34 17.83
C GLY B 93 -15.09 -15.76 19.05
N GLY B 94 -15.74 -16.46 19.97
CA GLY B 94 -15.07 -16.91 21.19
C GLY B 94 -13.94 -17.90 20.98
N LEU B 95 -13.88 -18.54 19.82
CA LEU B 95 -12.77 -19.45 19.55
C LEU B 95 -11.48 -18.70 19.28
N THR B 96 -11.57 -17.39 18.98
CA THR B 96 -10.37 -16.59 18.69
C THR B 96 -9.36 -16.74 19.81
N GLY B 97 -8.11 -17.02 19.45
CA GLY B 97 -7.06 -17.22 20.43
C GLY B 97 -6.92 -18.63 21.00
N LEU B 98 -7.94 -19.48 20.87
CA LEU B 98 -7.83 -20.86 21.34
C LEU B 98 -7.07 -21.70 20.32
N ASN B 99 -6.32 -22.70 20.81
CA ASN B 99 -5.71 -23.68 19.91
C ASN B 99 -6.61 -24.92 19.79
N LYS B 100 -6.13 -25.90 19.01
CA LYS B 100 -6.90 -27.12 18.75
C LYS B 100 -7.30 -27.82 20.05
N ALA B 101 -6.32 -28.02 20.94
CA ALA B 101 -6.58 -28.71 22.19
C ALA B 101 -7.57 -27.93 23.04
N GLU B 102 -7.35 -26.62 23.22
CA GLU B 102 -8.21 -25.83 24.07
C GLU B 102 -9.64 -25.84 23.53
N THR B 103 -9.79 -25.83 22.21
CA THR B 103 -11.14 -25.84 21.61
C THR B 103 -11.84 -27.17 21.89
N ALA B 104 -11.13 -28.28 21.67
CA ALA B 104 -11.71 -29.58 21.95
C ALA B 104 -12.00 -29.75 23.44
N ALA B 105 -11.10 -29.28 24.30
CA ALA B 105 -11.30 -29.43 25.75
C ALA B 105 -12.54 -28.66 26.21
N LYS B 106 -12.70 -27.43 25.72
CA LYS B 106 -13.80 -26.59 26.17
C LYS B 106 -15.13 -27.02 25.59
N HIS B 107 -15.16 -27.39 24.32
CA HIS B 107 -16.44 -27.55 23.65
C HIS B 107 -16.84 -28.98 23.33
N GLY B 108 -15.91 -29.94 23.32
CA GLY B 108 -16.36 -31.29 23.01
C GLY B 108 -16.30 -31.61 21.54
N GLU B 109 -16.13 -32.91 21.25
CA GLU B 109 -16.05 -33.36 19.87
C GLU B 109 -17.32 -33.04 19.10
N ALA B 110 -18.48 -33.33 19.67
CA ALA B 110 -19.73 -33.19 18.92
C ALA B 110 -19.94 -31.74 18.49
N GLN B 111 -19.81 -30.81 19.42
CA GLN B 111 -20.03 -29.40 19.09
C GLN B 111 -19.02 -28.94 18.05
N VAL B 112 -17.73 -29.27 18.25
CA VAL B 112 -16.78 -28.78 17.26
C VAL B 112 -17.05 -29.39 15.90
N LYS B 113 -17.51 -30.63 15.85
CA LYS B 113 -17.86 -31.23 14.56
C LYS B 113 -18.98 -30.44 13.88
N ILE B 114 -19.99 -30.04 14.68
CA ILE B 114 -21.09 -29.24 14.14
C ILE B 114 -20.57 -27.94 13.56
N TRP B 115 -19.72 -27.23 14.30
CA TRP B 115 -19.18 -25.97 13.77
C TRP B 115 -18.36 -26.21 12.52
N ARG B 116 -17.53 -27.25 12.49
CA ARG B 116 -16.75 -27.56 11.29
C ARG B 116 -17.62 -27.67 10.06
N ARG B 117 -18.67 -28.49 10.13
CA ARG B 117 -19.37 -28.83 8.88
C ARG B 117 -20.55 -27.92 8.55
N SER B 118 -20.91 -27.00 9.44
CA SER B 118 -22.11 -26.19 9.26
C SER B 118 -21.83 -24.93 8.43
N TYR B 119 -22.78 -24.59 7.56
CA TYR B 119 -22.67 -23.37 6.75
C TYR B 119 -23.11 -22.13 7.53
N ASP B 120 -24.08 -22.27 8.44
CA ASP B 120 -24.73 -21.10 9.00
C ASP B 120 -24.88 -21.16 10.52
N VAL B 121 -24.20 -22.08 11.20
CA VAL B 121 -24.13 -22.08 12.66
C VAL B 121 -22.84 -21.38 13.07
N PRO B 122 -22.90 -20.22 13.72
CA PRO B 122 -21.68 -19.52 14.10
C PRO B 122 -21.08 -20.16 15.34
N PRO B 123 -19.79 -19.91 15.59
CA PRO B 123 -19.22 -20.23 16.88
C PRO B 123 -19.72 -19.27 17.95
N PRO B 124 -19.34 -19.48 19.20
CA PRO B 124 -19.85 -18.59 20.26
C PRO B 124 -19.43 -17.16 20.02
N PRO B 125 -20.19 -16.19 20.52
CA PRO B 125 -19.80 -14.79 20.40
C PRO B 125 -18.56 -14.47 21.23
N MET B 126 -17.75 -13.55 20.70
CA MET B 126 -16.62 -12.99 21.45
C MET B 126 -17.20 -11.94 22.39
N GLU B 127 -17.31 -12.29 23.68
CA GLU B 127 -17.89 -11.46 24.73
C GLU B 127 -16.87 -10.46 25.26
N PRO B 128 -17.34 -9.42 25.95
CA PRO B 128 -16.42 -8.37 26.43
C PRO B 128 -15.35 -8.85 27.40
N ASP B 129 -15.49 -10.01 28.03
CA ASP B 129 -14.43 -10.51 28.89
C ASP B 129 -13.48 -11.44 28.15
N HIS B 130 -13.66 -11.63 26.85
CA HIS B 130 -12.74 -12.46 26.09
C HIS B 130 -11.36 -11.79 26.03
N PRO B 131 -10.28 -12.57 26.12
CA PRO B 131 -8.94 -11.95 26.16
C PRO B 131 -8.63 -11.07 24.97
N PHE B 132 -9.28 -11.28 23.82
CA PHE B 132 -8.98 -10.48 22.64
C PHE B 132 -10.10 -9.52 22.28
N TYR B 133 -11.06 -9.31 23.18
CA TYR B 133 -12.21 -8.47 22.85
C TYR B 133 -11.78 -7.04 22.57
N SER B 134 -11.00 -6.43 23.48
CA SER B 134 -10.62 -5.06 23.20
C SER B 134 -9.63 -5.00 22.05
N ASN B 135 -8.74 -5.97 21.95
CA ASN B 135 -7.78 -6.01 20.86
C ASN B 135 -8.46 -5.94 19.49
N ILE B 136 -9.59 -6.60 19.32
CA ILE B 136 -10.24 -6.64 18.02
C ILE B 136 -11.41 -5.68 17.95
N SER B 137 -12.43 -5.91 18.78
CA SER B 137 -13.65 -5.13 18.70
C SER B 137 -13.44 -3.65 19.02
N LYS B 138 -12.41 -3.28 19.78
CA LYS B 138 -12.14 -1.88 20.08
C LYS B 138 -11.00 -1.30 19.24
N ASP B 139 -10.52 -2.02 18.23
CA ASP B 139 -9.47 -1.49 17.37
C ASP B 139 -10.02 -0.32 16.55
N ARG B 140 -9.28 0.78 16.48
CA ARG B 140 -9.81 1.95 15.80
C ARG B 140 -10.01 1.74 14.31
N ARG B 141 -9.38 0.71 13.71
CA ARG B 141 -9.61 0.50 12.29
C ARG B 141 -11.06 0.12 11.98
N TYR B 142 -11.83 -0.29 12.98
CA TYR B 142 -13.23 -0.61 12.81
C TYR B 142 -14.13 0.51 13.33
N ALA B 143 -13.55 1.67 13.66
CA ALA B 143 -14.32 2.75 14.27
C ALA B 143 -15.51 3.14 13.40
N ASP B 144 -15.39 3.04 12.09
CA ASP B 144 -16.45 3.54 11.21
C ASP B 144 -17.55 2.51 10.96
N LEU B 145 -17.44 1.31 11.52
CA LEU B 145 -18.47 0.30 11.34
C LEU B 145 -19.69 0.60 12.20
N THR B 146 -20.87 0.33 11.66
CA THR B 146 -22.10 0.40 12.44
C THR B 146 -22.15 -0.78 13.42
N GLU B 147 -23.04 -0.65 14.42
CA GLU B 147 -23.18 -1.70 15.43
C GLU B 147 -23.48 -3.04 14.78
N ASP B 148 -24.35 -3.06 13.76
CA ASP B 148 -24.72 -4.30 13.12
C ASP B 148 -23.62 -4.83 12.21
N GLN B 149 -22.67 -3.98 11.81
CA GLN B 149 -21.60 -4.44 10.94
C GLN B 149 -20.47 -5.12 11.71
N LEU B 150 -20.14 -4.63 12.88
CA LEU B 150 -19.08 -5.22 13.67
C LEU B 150 -19.52 -6.57 14.21
N PRO B 151 -18.98 -7.68 13.70
CA PRO B 151 -19.44 -8.98 14.19
C PRO B 151 -18.81 -9.33 15.52
N SER B 152 -19.55 -10.11 16.32
CA SER B 152 -18.98 -10.79 17.47
C SER B 152 -18.58 -12.21 17.16
N CYS B 153 -19.01 -12.73 16.01
CA CYS B 153 -18.76 -14.09 15.55
C CYS B 153 -19.41 -14.19 14.18
N GLU B 154 -19.00 -15.19 13.41
CA GLU B 154 -19.45 -15.35 12.04
C GLU B 154 -19.56 -16.82 11.70
N SER B 155 -20.67 -17.20 11.08
CA SER B 155 -20.69 -18.43 10.31
C SER B 155 -20.06 -18.16 8.95
N LEU B 156 -19.79 -19.22 8.19
CA LEU B 156 -19.29 -18.97 6.83
C LEU B 156 -20.30 -18.14 6.04
N LYS B 157 -21.59 -18.42 6.21
CA LYS B 157 -22.61 -17.62 5.54
C LYS B 157 -22.49 -16.14 5.87
N ASP B 158 -22.26 -15.80 7.15
CA ASP B 158 -22.09 -14.41 7.55
C ASP B 158 -20.89 -13.77 6.84
N THR B 159 -19.75 -14.46 6.85
CA THR B 159 -18.56 -13.96 6.18
C THR B 159 -18.83 -13.65 4.71
N ILE B 160 -19.39 -14.63 3.99
CA ILE B 160 -19.70 -14.43 2.58
C ILE B 160 -20.67 -13.27 2.41
N ALA B 161 -21.65 -13.15 3.31
CA ALA B 161 -22.66 -12.11 3.21
C ALA B 161 -22.07 -10.72 3.36
N ARG B 162 -21.03 -10.56 4.16
CA ARG B 162 -20.47 -9.22 4.23
C ARG B 162 -19.29 -9.01 3.29
N ALA B 163 -18.80 -10.05 2.64
CA ALA B 163 -17.79 -9.86 1.59
C ALA B 163 -18.42 -9.51 0.25
N LEU B 164 -19.55 -10.14 -0.09
CA LEU B 164 -20.06 -9.95 -1.45
C LEU B 164 -20.52 -8.53 -1.74
N PRO B 165 -21.01 -7.76 -0.75
CA PRO B 165 -21.33 -6.35 -1.04
C PRO B 165 -20.12 -5.58 -1.55
N PHE B 166 -18.94 -5.86 -1.01
CA PHE B 166 -17.76 -5.16 -1.50
C PHE B 166 -17.43 -5.60 -2.91
N TRP B 167 -17.49 -6.91 -3.18
CA TRP B 167 -17.32 -7.39 -4.54
C TRP B 167 -18.25 -6.64 -5.50
N ASN B 168 -19.55 -6.72 -5.23
CA ASN B 168 -20.54 -6.18 -6.16
C ASN B 168 -20.40 -4.66 -6.34
N GLU B 169 -20.18 -3.93 -5.25
CA GLU B 169 -20.24 -2.48 -5.31
C GLU B 169 -18.90 -1.82 -5.58
N GLU B 170 -17.78 -2.47 -5.30
CA GLU B 170 -16.49 -1.83 -5.47
C GLU B 170 -15.60 -2.55 -6.47
N ILE B 171 -15.61 -3.88 -6.52
CA ILE B 171 -14.67 -4.58 -7.41
C ILE B 171 -15.27 -4.75 -8.79
N VAL B 172 -16.53 -5.19 -8.86
CA VAL B 172 -17.14 -5.46 -10.17
C VAL B 172 -17.06 -4.21 -11.07
N PRO B 173 -17.37 -3.01 -10.60
CA PRO B 173 -17.25 -1.82 -11.47
C PRO B 173 -15.85 -1.61 -12.00
N GLN B 174 -14.83 -1.84 -11.17
CA GLN B 174 -13.48 -1.74 -11.67
C GLN B 174 -13.22 -2.76 -12.77
N ILE B 175 -13.72 -3.99 -12.61
CA ILE B 175 -13.45 -5.00 -13.63
C ILE B 175 -14.12 -4.60 -14.93
N LYS B 176 -15.38 -4.18 -14.86
CA LYS B 176 -16.10 -3.80 -16.07
C LYS B 176 -15.57 -2.51 -16.67
N GLU B 177 -14.82 -1.73 -15.89
CA GLU B 177 -14.10 -0.57 -16.39
C GLU B 177 -12.84 -0.98 -17.14
N GLY B 178 -12.54 -2.27 -17.19
CA GLY B 178 -11.35 -2.79 -17.85
C GLY B 178 -10.11 -2.89 -16.97
N LYS B 179 -10.21 -2.56 -15.68
CA LYS B 179 -9.05 -2.62 -14.81
C LYS B 179 -8.67 -4.06 -14.51
N ARG B 180 -7.37 -4.36 -14.53
CA ARG B 180 -6.89 -5.69 -14.20
C ARG B 180 -6.74 -5.77 -12.68
N VAL B 181 -7.58 -6.56 -12.03
CA VAL B 181 -7.69 -6.58 -10.58
C VAL B 181 -6.87 -7.73 -9.99
N LEU B 182 -6.20 -7.45 -8.88
CA LEU B 182 -5.55 -8.43 -8.00
C LEU B 182 -6.22 -8.34 -6.64
N ILE B 183 -6.66 -9.47 -6.08
CA ILE B 183 -7.23 -9.50 -4.74
C ILE B 183 -6.33 -10.38 -3.87
N ALA B 184 -5.78 -9.80 -2.80
CA ALA B 184 -4.96 -10.53 -1.83
C ALA B 184 -5.77 -10.58 -0.55
N ALA B 185 -6.26 -11.77 -0.20
CA ALA B 185 -7.13 -11.80 0.98
C ALA B 185 -7.01 -13.14 1.69
N HIS B 186 -8.12 -13.66 2.19
CA HIS B 186 -8.12 -14.76 3.16
C HIS B 186 -8.97 -15.91 2.67
N GLY B 187 -8.76 -17.10 3.25
CA GLY B 187 -9.48 -18.28 2.78
C GLY B 187 -10.98 -18.08 2.68
N ASN B 188 -11.62 -17.60 3.74
CA ASN B 188 -13.08 -17.56 3.73
C ASN B 188 -13.66 -16.39 2.95
N SER B 189 -12.98 -15.23 2.93
CA SER B 189 -13.50 -14.15 2.08
C SER B 189 -13.32 -14.51 0.59
N LEU B 190 -12.16 -15.08 0.24
CA LEU B 190 -12.00 -15.56 -1.12
C LEU B 190 -13.03 -16.63 -1.44
N ARG B 191 -13.36 -17.47 -0.46
CA ARG B 191 -14.44 -18.44 -0.68
C ARG B 191 -15.71 -17.75 -1.11
N GLY B 192 -16.03 -16.62 -0.45
CA GLY B 192 -17.21 -15.89 -0.87
C GLY B 192 -17.18 -15.50 -2.34
N ILE B 193 -16.05 -14.94 -2.78
CA ILE B 193 -15.94 -14.52 -4.18
C ILE B 193 -16.04 -15.73 -5.11
N VAL B 194 -15.36 -16.82 -4.77
CA VAL B 194 -15.38 -17.98 -5.66
C VAL B 194 -16.78 -18.58 -5.73
N LYS B 195 -17.50 -18.62 -4.59
CA LYS B 195 -18.86 -19.14 -4.60
C LYS B 195 -19.72 -18.33 -5.55
N HIS B 196 -19.59 -17.01 -5.50
CA HIS B 196 -20.36 -16.16 -6.40
C HIS B 196 -19.96 -16.38 -7.86
N LEU B 197 -18.66 -16.36 -8.15
CA LEU B 197 -18.20 -16.53 -9.53
C LEU B 197 -18.71 -17.84 -10.13
N GLU B 198 -18.61 -18.94 -9.39
CA GLU B 198 -18.92 -20.25 -9.96
C GLU B 198 -20.33 -20.74 -9.60
N GLY B 199 -21.11 -19.95 -8.90
CA GLY B 199 -22.44 -20.40 -8.47
C GLY B 199 -22.42 -21.71 -7.71
N LEU B 200 -21.48 -21.86 -6.79
CA LEU B 200 -21.31 -23.10 -6.06
C LEU B 200 -22.37 -23.24 -4.96
N SER B 201 -22.66 -24.49 -4.62
CA SER B 201 -23.56 -24.77 -3.51
C SER B 201 -22.83 -24.57 -2.18
N GLU B 202 -23.61 -24.56 -1.09
CA GLU B 202 -23.02 -24.47 0.24
C GLU B 202 -22.06 -25.63 0.51
N GLU B 203 -22.50 -26.86 0.19
CA GLU B 203 -21.64 -28.02 0.39
C GLU B 203 -20.34 -27.89 -0.41
N ALA B 204 -20.44 -27.43 -1.66
CA ALA B 204 -19.27 -27.36 -2.50
C ALA B 204 -18.28 -26.31 -1.98
N ILE B 205 -18.77 -25.14 -1.57
CA ILE B 205 -17.84 -24.10 -1.10
C ILE B 205 -17.18 -24.55 0.18
N MET B 206 -17.89 -25.32 1.00
CA MET B 206 -17.38 -25.74 2.28
C MET B 206 -16.29 -26.79 2.07
N GLU B 207 -16.35 -27.50 0.94
CA GLU B 207 -15.29 -28.43 0.58
C GLU B 207 -14.13 -27.81 -0.20
N LEU B 208 -14.24 -26.54 -0.60
CA LEU B 208 -13.19 -25.90 -1.40
C LEU B 208 -12.11 -25.39 -0.46
N ASN B 209 -10.87 -25.84 -0.66
CA ASN B 209 -9.74 -25.42 0.16
C ASN B 209 -8.75 -24.75 -0.79
N LEU B 210 -8.74 -23.43 -0.80
CA LEU B 210 -7.88 -22.72 -1.75
C LEU B 210 -6.42 -22.84 -1.31
N PRO B 211 -5.51 -23.15 -2.24
CA PRO B 211 -4.09 -23.20 -1.89
C PRO B 211 -3.58 -21.82 -1.48
N THR B 212 -2.57 -21.81 -0.62
CA THR B 212 -1.97 -20.57 -0.14
C THR B 212 -0.78 -20.15 -0.99
N GLY B 213 -0.61 -18.83 -1.13
CA GLY B 213 0.57 -18.31 -1.81
C GLY B 213 0.62 -18.53 -3.30
N ILE B 214 -0.44 -19.06 -3.89
CA ILE B 214 -0.47 -19.46 -5.30
C ILE B 214 -1.42 -18.54 -6.04
N PRO B 215 -0.97 -17.84 -7.08
CA PRO B 215 -1.90 -17.01 -7.85
C PRO B 215 -2.98 -17.88 -8.46
N ILE B 216 -4.23 -17.45 -8.30
CA ILE B 216 -5.40 -18.14 -8.80
C ILE B 216 -5.98 -17.27 -9.89
N VAL B 217 -6.03 -17.78 -11.13
CA VAL B 217 -6.37 -16.98 -12.30
C VAL B 217 -7.75 -17.37 -12.82
N TYR B 218 -8.61 -16.37 -13.01
CA TYR B 218 -9.91 -16.54 -13.65
C TYR B 218 -9.94 -15.79 -14.98
N GLU B 219 -10.49 -16.43 -16.00
CA GLU B 219 -10.76 -15.81 -17.29
C GLU B 219 -12.26 -15.61 -17.38
N LEU B 220 -12.70 -14.36 -17.48
CA LEU B 220 -14.08 -13.98 -17.23
C LEU B 220 -14.69 -13.36 -18.48
N ASP B 221 -15.95 -13.68 -18.77
CA ASP B 221 -16.61 -13.01 -19.87
C ASP B 221 -17.15 -11.66 -19.38
N LYS B 222 -17.78 -10.91 -20.29
CA LYS B 222 -18.16 -9.54 -19.95
C LYS B 222 -19.21 -9.48 -18.85
N ASN B 223 -19.90 -10.58 -18.56
CA ASN B 223 -20.79 -10.65 -17.42
C ASN B 223 -20.11 -11.27 -16.20
N LEU B 224 -18.79 -11.43 -16.24
CA LEU B 224 -17.98 -11.91 -15.12
C LEU B 224 -18.26 -13.38 -14.80
N LYS B 225 -18.72 -14.14 -15.81
CA LYS B 225 -18.87 -15.59 -15.70
C LYS B 225 -17.59 -16.28 -16.14
N PRO B 226 -16.99 -17.15 -15.33
CA PRO B 226 -15.74 -17.79 -15.77
C PRO B 226 -15.99 -18.59 -17.04
N ILE B 227 -15.01 -18.56 -17.95
CA ILE B 227 -15.11 -19.36 -19.17
C ILE B 227 -14.43 -20.71 -19.02
N LYS B 228 -13.73 -20.94 -17.92
CA LYS B 228 -13.02 -22.19 -17.70
C LYS B 228 -12.66 -22.28 -16.22
N PRO B 229 -12.23 -23.46 -15.76
CA PRO B 229 -11.91 -23.62 -14.33
C PRO B 229 -10.78 -22.70 -13.90
N MET B 230 -10.80 -22.33 -12.62
CA MET B 230 -9.68 -21.59 -12.06
C MET B 230 -8.36 -22.29 -12.36
N GLN B 231 -7.32 -21.50 -12.63
CA GLN B 231 -5.99 -21.99 -12.95
C GLN B 231 -5.00 -21.52 -11.89
N PHE B 232 -4.03 -22.36 -11.56
CA PHE B 232 -3.01 -22.02 -10.58
C PHE B 232 -1.71 -21.70 -11.29
N LEU B 233 -1.01 -20.67 -10.81
CA LEU B 233 0.24 -20.23 -11.42
C LEU B 233 1.43 -20.69 -10.57
N GLY B 234 2.45 -21.21 -11.23
CA GLY B 234 3.66 -21.64 -10.56
C GLY B 234 4.26 -22.85 -11.23
N ASP B 235 5.58 -23.04 -11.00
CA ASP B 235 6.33 -24.10 -11.66
C ASP B 235 5.59 -25.43 -11.58
N GLU B 236 5.95 -26.36 -12.48
CA GLU B 236 5.08 -27.51 -12.74
C GLU B 236 4.69 -28.23 -11.47
N GLU B 237 5.62 -28.36 -10.52
CA GLU B 237 5.34 -29.16 -9.35
C GLU B 237 4.24 -28.52 -8.49
N THR B 238 4.46 -27.27 -8.10
CA THR B 238 3.51 -26.57 -7.24
C THR B 238 2.16 -26.39 -7.93
#